data_2QL9
#
_entry.id   2QL9
#
_cell.length_a   87.158
_cell.length_b   87.158
_cell.length_c   187.416
_cell.angle_alpha   90.00
_cell.angle_beta   90.00
_cell.angle_gamma   120.00
#
_symmetry.space_group_name_H-M   'P 32 2 1'
#
loop_
_entity.id
_entity.type
_entity.pdbx_description
1 polymer Caspase-7
2 polymer Caspase-7
3 polymer 'Inhibitor AC-DQMD-CHO'
4 polymer 'PEPTIDE QGHGE'
5 non-polymer 'CITRIC ACID'
6 water water
#
loop_
_entity_poly.entity_id
_entity_poly.type
_entity_poly.pdbx_seq_one_letter_code
_entity_poly.pdbx_strand_id
1 'polypeptide(L)'
;AKPDRSSFVPSLFSKKKKNVTMRSIKTTRDRVPTYQYNMNFEKLGKCIIINNKNFDKVTGMGVRNGTDKDAEALFKCFRS
LGFDVIVYNDCSCAKMQDLLKKASEEDHTNAACFACILLSHGEENVIYGKDGVTPIKDLTAHFRGDRCKTLLEKPKLFFI
QACRGTELDDGIQ
;
A,C
2 'polypeptide(L)'
;ANPRYKIPVEADFLFAYSTVPGYYSWRSPGRGSWFVQALCSILEEHGKDLEIMQILTRVNDRVARHFESQSDDPHFHEKK
QIPCVVSMLTKELYFSQ
;
B,D
3 'polypeptide(L)' (ACE)DQM(ASJ) E,F
4 'polypeptide(L)' QGHGE G
#
loop_
_chem_comp.id
_chem_comp.type
_chem_comp.name
_chem_comp.formula
ACE non-polymer 'ACETYL GROUP' 'C2 H4 O'
ASJ peptide-like '(3S)-3-amino-4-hydroxybutanoic acid' 'C4 H9 N O3'
CIT non-polymer 'CITRIC ACID' 'C6 H8 O7'
#
# COMPACT_ATOMS: atom_id res chain seq x y z
N THR A 34 -18.78 11.48 8.76
CA THR A 34 -17.82 12.31 7.97
C THR A 34 -16.54 11.52 7.73
N TYR A 35 -16.51 10.28 8.23
CA TYR A 35 -15.33 9.43 8.10
C TYR A 35 -15.53 8.22 7.22
N GLN A 36 -16.68 8.12 6.57
CA GLN A 36 -16.96 7.00 5.69
C GLN A 36 -17.43 7.52 4.34
N TYR A 37 -17.17 6.74 3.30
CA TYR A 37 -17.59 7.10 1.96
C TYR A 37 -19.11 6.98 1.91
N ASN A 38 -19.75 7.92 1.22
CA ASN A 38 -21.20 7.90 1.10
C ASN A 38 -21.61 6.81 0.13
N MET A 39 -22.37 5.84 0.63
CA MET A 39 -22.81 4.73 -0.21
C MET A 39 -24.29 4.86 -0.57
N ASN A 40 -24.88 6.01 -0.29
CA ASN A 40 -26.28 6.22 -0.62
C ASN A 40 -26.45 6.58 -2.09
N PHE A 41 -26.32 5.56 -2.94
CA PHE A 41 -26.43 5.71 -4.38
C PHE A 41 -27.32 4.60 -4.92
N GLU A 42 -27.89 4.81 -6.09
CA GLU A 42 -28.77 3.82 -6.69
C GLU A 42 -28.08 2.49 -6.94
N LYS A 43 -26.83 2.56 -7.37
CA LYS A 43 -26.03 1.36 -7.66
C LYS A 43 -24.76 1.35 -6.84
N LEU A 44 -24.29 0.15 -6.50
CA LEU A 44 -23.04 0.05 -5.77
C LEU A 44 -21.96 0.45 -6.77
N GLY A 45 -22.06 -0.09 -7.97
CA GLY A 45 -21.09 0.24 -9.00
C GLY A 45 -20.74 -0.87 -9.96
N LYS A 46 -19.98 -0.53 -10.98
CA LYS A 46 -19.55 -1.48 -11.99
C LYS A 46 -18.31 -2.26 -11.54
N CYS A 47 -18.24 -3.53 -11.93
CA CYS A 47 -17.10 -4.38 -11.61
C CYS A 47 -16.67 -5.15 -12.84
N ILE A 48 -15.43 -4.94 -13.24
CA ILE A 48 -14.85 -5.61 -14.40
C ILE A 48 -13.88 -6.70 -13.97
N ILE A 49 -14.07 -7.90 -14.48
CA ILE A 49 -13.17 -9.01 -14.17
C ILE A 49 -12.50 -9.45 -15.46
N ILE A 50 -11.19 -9.30 -15.54
CA ILE A 50 -10.45 -9.74 -16.71
C ILE A 50 -9.81 -11.07 -16.31
N ASN A 51 -10.25 -12.14 -16.97
CA ASN A 51 -9.78 -13.49 -16.67
C ASN A 51 -8.93 -14.02 -17.83
N ASN A 52 -7.61 -13.92 -17.68
CA ASN A 52 -6.68 -14.39 -18.72
C ASN A 52 -6.13 -15.77 -18.39
N LYS A 53 -6.57 -16.77 -19.15
CA LYS A 53 -6.16 -18.15 -18.94
C LYS A 53 -5.20 -18.68 -20.01
N ASN A 54 -5.46 -18.32 -21.27
CA ASN A 54 -4.65 -18.79 -22.38
C ASN A 54 -3.90 -17.63 -23.02
N PHE A 55 -2.61 -17.82 -23.24
CA PHE A 55 -1.79 -16.77 -23.84
C PHE A 55 -1.14 -17.23 -25.14
N ASP A 56 -0.82 -16.27 -26.00
CA ASP A 56 -0.19 -16.60 -27.27
C ASP A 56 1.15 -17.28 -27.06
N LYS A 57 1.39 -18.33 -27.83
CA LYS A 57 2.63 -19.10 -27.76
C LYS A 57 3.86 -18.19 -27.77
N VAL A 58 3.77 -17.09 -28.52
CA VAL A 58 4.87 -16.14 -28.60
C VAL A 58 5.31 -15.61 -27.24
N THR A 59 4.35 -15.42 -26.33
CA THR A 59 4.65 -14.89 -25.00
C THR A 59 5.38 -15.91 -24.14
N GLY A 60 5.20 -17.19 -24.47
CA GLY A 60 5.85 -18.24 -23.72
C GLY A 60 5.18 -18.54 -22.40
N MET A 61 4.12 -17.81 -22.08
CA MET A 61 3.41 -17.99 -20.81
C MET A 61 2.46 -19.19 -20.86
N GLY A 62 2.46 -19.97 -19.78
CA GLY A 62 1.60 -21.15 -19.73
C GLY A 62 0.16 -20.92 -19.32
N VAL A 63 -0.64 -21.97 -19.48
CA VAL A 63 -2.06 -21.94 -19.14
C VAL A 63 -2.23 -21.75 -17.64
N ARG A 64 -3.06 -20.79 -17.25
CA ARG A 64 -3.30 -20.51 -15.84
C ARG A 64 -4.45 -21.33 -15.29
N ASN A 65 -4.25 -22.65 -15.23
CA ASN A 65 -5.27 -23.56 -14.72
C ASN A 65 -5.71 -23.13 -13.34
N GLY A 66 -7.02 -23.13 -13.11
CA GLY A 66 -7.55 -22.74 -11.82
C GLY A 66 -8.12 -21.34 -11.82
N THR A 67 -7.79 -20.54 -12.84
CA THR A 67 -8.28 -19.19 -12.88
C THR A 67 -9.77 -19.09 -13.17
N ASP A 68 -10.36 -20.16 -13.68
CA ASP A 68 -11.79 -20.15 -13.97
C ASP A 68 -12.56 -20.24 -12.65
N LYS A 69 -12.03 -21.04 -11.73
CA LYS A 69 -12.65 -21.17 -10.41
C LYS A 69 -12.54 -19.82 -9.69
N ASP A 70 -11.40 -19.15 -9.85
CA ASP A 70 -11.22 -17.84 -9.23
C ASP A 70 -12.27 -16.87 -9.77
N ALA A 71 -12.33 -16.78 -11.10
CA ALA A 71 -13.26 -15.87 -11.76
C ALA A 71 -14.71 -16.12 -11.33
N GLU A 72 -15.13 -17.38 -11.29
CA GLU A 72 -16.50 -17.68 -10.91
C GLU A 72 -16.77 -17.35 -9.46
N ALA A 73 -15.84 -17.69 -8.58
CA ALA A 73 -16.01 -17.38 -7.16
C ALA A 73 -16.01 -15.88 -6.93
N LEU A 74 -15.22 -15.15 -7.71
CA LEU A 74 -15.17 -13.70 -7.61
C LEU A 74 -16.47 -13.09 -8.13
N PHE A 75 -17.00 -13.67 -9.21
CA PHE A 75 -18.23 -13.20 -9.81
C PHE A 75 -19.34 -13.21 -8.76
N LYS A 76 -19.52 -14.34 -8.10
CA LYS A 76 -20.54 -14.50 -7.07
C LYS A 76 -20.36 -13.54 -5.89
N CYS A 77 -19.14 -13.45 -5.37
CA CYS A 77 -18.87 -12.56 -4.24
C CYS A 77 -19.17 -11.10 -4.54
N PHE A 78 -18.65 -10.59 -5.66
CA PHE A 78 -18.89 -9.20 -5.98
C PHE A 78 -20.32 -8.93 -6.40
N ARG A 79 -20.98 -9.94 -6.95
CA ARG A 79 -22.37 -9.81 -7.35
C ARG A 79 -23.16 -9.68 -6.04
N SER A 80 -22.80 -10.52 -5.08
CA SER A 80 -23.42 -10.55 -3.76
C SER A 80 -23.28 -9.22 -3.03
N LEU A 81 -22.17 -8.53 -3.26
CA LEU A 81 -21.94 -7.23 -2.63
C LEU A 81 -22.85 -6.20 -3.28
N GLY A 82 -23.25 -6.47 -4.52
CA GLY A 82 -24.13 -5.55 -5.22
C GLY A 82 -23.54 -4.96 -6.49
N PHE A 83 -22.32 -5.37 -6.84
CA PHE A 83 -21.66 -4.89 -8.06
C PHE A 83 -22.30 -5.47 -9.31
N ASP A 84 -22.31 -4.67 -10.38
CA ASP A 84 -22.83 -5.15 -11.65
C ASP A 84 -21.57 -5.65 -12.34
N VAL A 85 -21.30 -6.94 -12.20
CA VAL A 85 -20.09 -7.51 -12.78
C VAL A 85 -20.23 -8.19 -14.13
N ILE A 86 -19.17 -8.06 -14.92
CA ILE A 86 -19.08 -8.67 -16.24
C ILE A 86 -17.68 -9.26 -16.35
N VAL A 87 -17.60 -10.48 -16.88
CA VAL A 87 -16.31 -11.17 -17.02
C VAL A 87 -15.83 -11.20 -18.47
N TYR A 88 -14.56 -10.85 -18.68
CA TYR A 88 -13.97 -10.85 -20.02
C TYR A 88 -12.81 -11.85 -20.00
N ASN A 89 -12.85 -12.81 -20.92
CA ASN A 89 -11.83 -13.85 -20.99
C ASN A 89 -10.76 -13.67 -22.06
N ASP A 90 -9.54 -14.06 -21.71
CA ASP A 90 -8.37 -13.98 -22.58
C ASP A 90 -8.29 -12.69 -23.38
N CYS A 91 -8.19 -11.56 -22.70
CA CYS A 91 -8.12 -10.27 -23.39
C CYS A 91 -6.71 -9.90 -23.86
N SER A 92 -6.63 -9.28 -25.02
CA SER A 92 -5.36 -8.84 -25.56
C SER A 92 -5.05 -7.56 -24.79
N CYS A 93 -3.82 -7.09 -24.87
CA CYS A 93 -3.46 -5.86 -24.16
C CYS A 93 -4.34 -4.71 -24.61
N ALA A 94 -4.60 -4.64 -25.92
CA ALA A 94 -5.42 -3.57 -26.47
C ALA A 94 -6.84 -3.63 -25.93
N LYS A 95 -7.38 -4.84 -25.79
CA LYS A 95 -8.72 -5.03 -25.29
C LYS A 95 -8.84 -4.54 -23.84
N MET A 96 -7.90 -4.96 -23.00
CA MET A 96 -7.89 -4.55 -21.59
C MET A 96 -7.87 -3.02 -21.50
N GLN A 97 -7.01 -2.40 -22.31
CA GLN A 97 -6.90 -0.94 -22.32
C GLN A 97 -8.23 -0.29 -22.70
N ASP A 98 -8.83 -0.80 -23.78
CA ASP A 98 -10.10 -0.26 -24.25
C ASP A 98 -11.19 -0.48 -23.20
N LEU A 99 -11.19 -1.66 -22.60
CA LEU A 99 -12.16 -2.02 -21.58
C LEU A 99 -12.19 -0.98 -20.45
N LEU A 100 -11.02 -0.73 -19.87
CA LEU A 100 -10.91 0.22 -18.78
C LEU A 100 -11.16 1.66 -19.24
N LYS A 101 -10.69 2.00 -20.43
CA LYS A 101 -10.91 3.35 -20.95
C LYS A 101 -12.41 3.62 -21.11
N LYS A 102 -13.12 2.69 -21.74
CA LYS A 102 -14.55 2.85 -21.97
C LYS A 102 -15.32 2.93 -20.64
N ALA A 103 -14.94 2.10 -19.68
CA ALA A 103 -15.59 2.10 -18.38
C ALA A 103 -15.39 3.47 -17.72
N SER A 104 -14.19 4.01 -17.82
CA SER A 104 -13.90 5.30 -17.21
C SER A 104 -14.69 6.43 -17.89
N GLU A 105 -15.20 6.16 -19.08
CA GLU A 105 -15.95 7.17 -19.82
C GLU A 105 -17.46 7.06 -19.65
N GLU A 106 -17.91 6.09 -18.84
CA GLU A 106 -19.32 5.92 -18.58
C GLU A 106 -19.73 6.90 -17.48
N ASP A 107 -21.03 7.07 -17.28
CA ASP A 107 -21.53 7.98 -16.27
C ASP A 107 -21.72 7.22 -14.95
N HIS A 108 -20.90 7.55 -13.96
CA HIS A 108 -20.95 6.90 -12.66
C HIS A 108 -21.69 7.73 -11.62
N THR A 109 -22.40 8.76 -12.10
CA THR A 109 -23.14 9.65 -11.21
C THR A 109 -23.98 8.92 -10.17
N ASN A 110 -24.66 7.85 -10.58
CA ASN A 110 -25.51 7.11 -9.66
C ASN A 110 -24.86 5.88 -9.03
N ALA A 111 -23.54 5.77 -9.12
CA ALA A 111 -22.82 4.63 -8.54
C ALA A 111 -22.01 5.07 -7.33
N ALA A 112 -21.87 4.19 -6.35
CA ALA A 112 -21.10 4.51 -5.15
C ALA A 112 -19.60 4.34 -5.37
N CYS A 113 -19.21 3.42 -6.24
CA CYS A 113 -17.78 3.18 -6.48
C CYS A 113 -17.55 2.41 -7.77
N PHE A 114 -16.33 1.94 -7.95
CA PHE A 114 -15.93 1.18 -9.13
C PHE A 114 -14.90 0.11 -8.72
N ALA A 115 -14.97 -1.06 -9.34
CA ALA A 115 -14.02 -2.12 -9.01
C ALA A 115 -13.56 -2.88 -10.25
N CYS A 116 -12.29 -3.27 -10.25
CA CYS A 116 -11.71 -4.02 -11.35
C CYS A 116 -10.82 -5.10 -10.79
N ILE A 117 -10.98 -6.32 -11.29
CA ILE A 117 -10.18 -7.45 -10.84
C ILE A 117 -9.40 -7.96 -12.03
N LEU A 118 -8.08 -8.08 -11.88
CA LEU A 118 -7.20 -8.58 -12.94
C LEU A 118 -6.60 -9.93 -12.56
N LEU A 119 -6.82 -10.94 -13.40
CA LEU A 119 -6.30 -12.28 -13.16
C LEU A 119 -5.44 -12.68 -14.33
N SER A 120 -4.12 -12.76 -14.13
CA SER A 120 -3.22 -13.09 -15.22
C SER A 120 -1.78 -13.28 -14.76
N HIS A 121 -0.89 -13.46 -15.73
CA HIS A 121 0.54 -13.59 -15.47
C HIS A 121 0.96 -12.13 -15.37
N GLY A 122 2.15 -11.88 -14.84
CA GLY A 122 2.60 -10.51 -14.74
C GLY A 122 4.01 -10.39 -14.23
N GLU A 123 4.51 -9.15 -14.22
CA GLU A 123 5.83 -8.85 -13.72
C GLU A 123 5.67 -7.51 -13.01
N GLU A 124 6.74 -7.03 -12.38
CA GLU A 124 6.68 -5.77 -11.65
C GLU A 124 6.09 -4.64 -12.50
N ASN A 125 5.00 -4.04 -12.02
CA ASN A 125 4.33 -2.93 -12.70
C ASN A 125 3.58 -3.26 -13.98
N VAL A 126 3.60 -4.52 -14.41
CA VAL A 126 2.92 -4.88 -15.64
C VAL A 126 2.08 -6.15 -15.53
N ILE A 127 1.07 -6.24 -16.38
CA ILE A 127 0.20 -7.41 -16.39
C ILE A 127 0.09 -7.92 -17.83
N TYR A 128 0.01 -9.24 -17.99
CA TYR A 128 -0.09 -9.82 -19.32
C TYR A 128 -1.49 -9.88 -19.93
N GLY A 129 -1.53 -9.56 -21.21
CA GLY A 129 -2.75 -9.68 -21.99
C GLY A 129 -2.43 -11.00 -22.67
N LYS A 130 -3.27 -11.50 -23.56
CA LYS A 130 -2.97 -12.77 -24.21
C LYS A 130 -1.78 -12.63 -25.18
N ASP A 131 -1.50 -11.41 -25.59
CA ASP A 131 -0.44 -11.14 -26.56
C ASP A 131 0.79 -10.39 -26.06
N GLY A 132 0.91 -10.20 -24.75
CA GLY A 132 2.06 -9.49 -24.23
C GLY A 132 1.77 -8.79 -22.92
N VAL A 133 2.64 -7.86 -22.52
CA VAL A 133 2.45 -7.15 -21.26
C VAL A 133 2.02 -5.71 -21.50
N THR A 134 1.33 -5.15 -20.51
CA THR A 134 0.86 -3.77 -20.58
C THR A 134 0.99 -3.19 -19.17
N PRO A 135 1.31 -1.89 -19.06
CA PRO A 135 1.47 -1.21 -17.78
C PRO A 135 0.19 -1.15 -16.96
N ILE A 136 0.26 -1.57 -15.70
CA ILE A 136 -0.90 -1.54 -14.81
C ILE A 136 -1.30 -0.08 -14.64
N LYS A 137 -0.29 0.78 -14.59
CA LYS A 137 -0.48 2.22 -14.42
C LYS A 137 -1.37 2.82 -15.51
N ASP A 138 -1.20 2.35 -16.74
CA ASP A 138 -2.00 2.89 -17.85
C ASP A 138 -3.45 2.42 -17.78
N LEU A 139 -3.67 1.26 -17.18
CA LEU A 139 -5.02 0.73 -17.05
C LEU A 139 -5.82 1.55 -16.04
N THR A 140 -5.16 1.90 -14.94
CA THR A 140 -5.80 2.64 -13.85
C THR A 140 -5.86 4.16 -14.00
N ALA A 141 -4.90 4.73 -14.71
CA ALA A 141 -4.86 6.19 -14.88
C ALA A 141 -6.14 6.77 -15.47
N HIS A 142 -6.87 5.98 -16.24
CA HIS A 142 -8.12 6.45 -16.84
C HIS A 142 -9.09 6.92 -15.77
N PHE A 143 -8.93 6.40 -14.56
CA PHE A 143 -9.83 6.74 -13.48
C PHE A 143 -9.39 7.86 -12.54
N ARG A 144 -8.34 8.58 -12.90
CA ARG A 144 -7.89 9.68 -12.06
C ARG A 144 -9.02 10.71 -11.94
N GLY A 145 -9.02 11.45 -10.84
CA GLY A 145 -10.05 12.45 -10.61
C GLY A 145 -10.29 13.40 -11.77
N ASP A 146 -9.22 13.76 -12.47
CA ASP A 146 -9.33 14.68 -13.59
C ASP A 146 -9.66 13.99 -14.91
N ARG A 147 -9.89 12.68 -14.86
CA ARG A 147 -10.22 11.95 -16.09
C ARG A 147 -11.52 11.16 -16.01
N CYS A 148 -12.11 11.15 -14.82
CA CYS A 148 -13.36 10.45 -14.57
C CYS A 148 -14.07 11.24 -13.49
N LYS A 149 -14.72 12.32 -13.90
CA LYS A 149 -15.42 13.20 -12.97
C LYS A 149 -16.51 12.53 -12.16
N THR A 150 -17.23 11.59 -12.76
CA THR A 150 -18.32 10.93 -12.04
C THR A 150 -17.88 9.99 -10.93
N LEU A 151 -16.58 9.69 -10.88
CA LEU A 151 -16.07 8.84 -9.81
C LEU A 151 -15.22 9.67 -8.84
N LEU A 152 -15.17 10.98 -9.09
CA LEU A 152 -14.41 11.88 -8.23
C LEU A 152 -14.93 11.75 -6.79
N GLU A 153 -14.01 11.59 -5.84
CA GLU A 153 -14.34 11.45 -4.42
C GLU A 153 -15.01 10.11 -4.09
N LYS A 154 -14.97 9.19 -5.05
CA LYS A 154 -15.54 7.86 -4.86
C LYS A 154 -14.39 6.84 -4.94
N PRO A 155 -14.48 5.77 -4.15
CA PRO A 155 -13.43 4.75 -4.18
C PRO A 155 -13.31 3.99 -5.49
N LYS A 156 -12.07 3.78 -5.93
CA LYS A 156 -11.78 3.07 -7.17
C LYS A 156 -10.89 1.90 -6.76
N LEU A 157 -11.47 0.71 -6.77
CA LEU A 157 -10.80 -0.51 -6.34
C LEU A 157 -10.22 -1.40 -7.43
N PHE A 158 -8.98 -1.84 -7.22
CA PHE A 158 -8.31 -2.73 -8.16
C PHE A 158 -7.70 -3.91 -7.40
N PHE A 159 -8.12 -5.11 -7.77
CA PHE A 159 -7.61 -6.34 -7.15
C PHE A 159 -6.80 -7.05 -8.22
N ILE A 160 -5.52 -7.27 -7.95
CA ILE A 160 -4.64 -7.90 -8.94
C ILE A 160 -3.99 -9.21 -8.52
N GLN A 161 -4.33 -10.28 -9.22
CA GLN A 161 -3.73 -11.59 -8.98
C GLN A 161 -2.75 -11.78 -10.14
N ALA A 162 -1.47 -11.60 -9.86
CA ALA A 162 -0.42 -11.73 -10.87
C ALA A 162 0.96 -11.61 -10.22
N CYS A 163 1.97 -12.24 -10.83
CA CYS A 163 3.32 -12.16 -10.28
C CYS A 163 3.87 -10.75 -10.41
N ARG A 164 4.78 -10.40 -9.52
CA ARG A 164 5.39 -9.07 -9.53
C ARG A 164 6.90 -9.15 -9.56
N GLY A 165 7.41 -10.32 -9.93
CA GLY A 165 8.85 -10.55 -9.99
C GLY A 165 9.09 -12.04 -9.85
N THR A 166 10.33 -12.44 -9.56
CA THR A 166 10.65 -13.85 -9.43
C THR A 166 11.24 -14.25 -8.08
N GLU A 167 11.12 -13.39 -7.09
CA GLU A 167 11.64 -13.72 -5.78
C GLU A 167 10.68 -14.70 -5.11
N LEU A 168 11.25 -15.56 -4.25
CA LEU A 168 10.47 -16.55 -3.53
C LEU A 168 10.58 -16.25 -2.04
N ASP A 169 9.48 -16.44 -1.32
CA ASP A 169 9.48 -16.20 0.12
C ASP A 169 9.55 -17.58 0.78
N ASP A 170 10.71 -17.90 1.37
CA ASP A 170 10.90 -19.21 2.01
C ASP A 170 10.20 -19.34 3.36
N GLY A 171 9.72 -18.22 3.90
CA GLY A 171 9.04 -18.26 5.18
C GLY A 171 10.01 -18.49 6.32
N ILE A 172 9.52 -18.40 7.55
CA ILE A 172 10.37 -18.59 8.72
C ILE A 172 9.62 -19.26 9.87
N GLN A 173 10.40 -19.88 10.76
CA GLN A 173 9.90 -20.60 11.94
C GLN A 173 9.08 -21.83 11.57
N LYS B 6 -10.23 21.62 -4.20
CA LYS B 6 -9.37 20.76 -5.05
C LYS B 6 -9.08 19.40 -4.40
N ILE B 7 -9.12 18.36 -5.22
CA ILE B 7 -8.86 16.99 -4.77
C ILE B 7 -7.70 16.46 -5.59
N PRO B 8 -6.73 15.78 -4.94
CA PRO B 8 -5.60 15.25 -5.71
C PRO B 8 -6.16 14.26 -6.74
N VAL B 9 -5.60 14.26 -7.95
CA VAL B 9 -6.10 13.36 -8.98
C VAL B 9 -5.79 11.88 -8.71
N GLU B 10 -4.84 11.63 -7.81
CA GLU B 10 -4.47 10.25 -7.47
C GLU B 10 -5.18 9.76 -6.21
N ALA B 11 -6.03 10.61 -5.64
CA ALA B 11 -6.76 10.24 -4.43
C ALA B 11 -7.91 9.25 -4.65
N ASP B 12 -8.22 8.52 -3.60
CA ASP B 12 -9.33 7.56 -3.58
C ASP B 12 -9.18 6.28 -4.38
N PHE B 13 -7.94 5.83 -4.55
CA PHE B 13 -7.64 4.58 -5.25
C PHE B 13 -7.21 3.56 -4.18
N LEU B 14 -7.44 2.29 -4.44
CA LEU B 14 -6.98 1.24 -3.54
C LEU B 14 -6.56 0.07 -4.43
N PHE B 15 -5.36 -0.44 -4.21
CA PHE B 15 -4.84 -1.55 -4.98
C PHE B 15 -4.63 -2.72 -4.05
N ALA B 16 -5.30 -3.84 -4.32
CA ALA B 16 -5.13 -5.02 -3.49
C ALA B 16 -4.33 -6.03 -4.30
N TYR B 17 -3.01 -6.06 -4.12
CA TYR B 17 -2.17 -6.99 -4.85
C TYR B 17 -2.10 -8.35 -4.14
N SER B 18 -2.00 -9.42 -4.92
CA SER B 18 -1.92 -10.76 -4.33
C SER B 18 -0.56 -11.00 -3.70
N THR B 19 0.45 -10.26 -4.13
CA THR B 19 1.78 -10.43 -3.57
C THR B 19 2.56 -9.13 -3.50
N VAL B 20 3.68 -9.14 -2.77
CA VAL B 20 4.51 -7.93 -2.64
C VAL B 20 5.40 -7.75 -3.87
N PRO B 21 5.89 -6.52 -4.09
CA PRO B 21 6.76 -6.23 -5.24
C PRO B 21 8.00 -7.12 -5.30
N GLY B 22 8.32 -7.60 -6.50
CA GLY B 22 9.49 -8.44 -6.68
C GLY B 22 9.25 -9.92 -6.52
N TYR B 23 8.12 -10.30 -5.91
CA TYR B 23 7.83 -11.71 -5.68
C TYR B 23 6.82 -12.37 -6.60
N TYR B 24 6.80 -13.71 -6.53
CA TYR B 24 5.88 -14.54 -7.29
C TYR B 24 4.55 -14.50 -6.54
N SER B 25 3.53 -15.05 -7.19
CA SER B 25 2.20 -15.16 -6.61
C SER B 25 1.78 -16.59 -6.91
N TRP B 26 1.26 -17.31 -5.91
CA TRP B 26 0.90 -18.71 -6.11
C TRP B 26 -0.56 -19.02 -6.46
N ARG B 27 -0.72 -20.06 -7.26
CA ARG B 27 -2.03 -20.51 -7.72
C ARG B 27 -2.09 -22.04 -7.78
N SER B 28 -3.13 -22.61 -7.15
CA SER B 28 -3.34 -24.06 -7.16
C SER B 28 -4.29 -24.39 -8.31
N PRO B 29 -3.82 -25.16 -9.30
CA PRO B 29 -4.61 -25.55 -10.47
C PRO B 29 -5.99 -26.11 -10.17
N GLY B 30 -6.13 -26.80 -9.03
CA GLY B 30 -7.42 -27.38 -8.70
C GLY B 30 -8.30 -26.58 -7.74
N ARG B 31 -7.77 -25.49 -7.20
CA ARG B 31 -8.54 -24.68 -6.27
C ARG B 31 -8.49 -23.18 -6.57
N GLY B 32 -7.59 -22.78 -7.45
CA GLY B 32 -7.47 -21.37 -7.79
C GLY B 32 -6.33 -20.73 -7.02
N SER B 33 -6.03 -19.48 -7.33
CA SER B 33 -4.95 -18.77 -6.66
C SER B 33 -5.24 -18.61 -5.17
N TRP B 34 -4.16 -18.60 -4.37
CA TRP B 34 -4.29 -18.44 -2.93
C TRP B 34 -5.00 -17.14 -2.58
N PHE B 35 -4.58 -16.05 -3.19
CA PHE B 35 -5.16 -14.75 -2.91
C PHE B 35 -6.68 -14.69 -3.12
N VAL B 36 -7.15 -15.18 -4.25
CA VAL B 36 -8.59 -15.17 -4.54
C VAL B 36 -9.37 -16.06 -3.60
N GLN B 37 -8.83 -17.24 -3.30
CA GLN B 37 -9.50 -18.15 -2.38
C GLN B 37 -9.73 -17.43 -1.05
N ALA B 38 -8.68 -16.77 -0.56
CA ALA B 38 -8.77 -16.06 0.71
C ALA B 38 -9.73 -14.88 0.65
N LEU B 39 -9.62 -14.08 -0.41
CA LEU B 39 -10.48 -12.92 -0.58
C LEU B 39 -11.96 -13.30 -0.59
N CYS B 40 -12.30 -14.32 -1.37
CA CYS B 40 -13.68 -14.75 -1.46
C CYS B 40 -14.21 -15.33 -0.16
N SER B 41 -13.42 -16.12 0.56
CA SER B 41 -13.91 -16.68 1.82
C SER B 41 -14.17 -15.57 2.84
N ILE B 42 -13.31 -14.56 2.87
CA ILE B 42 -13.49 -13.45 3.81
C ILE B 42 -14.68 -12.57 3.41
N LEU B 43 -14.79 -12.25 2.13
CA LEU B 43 -15.90 -11.42 1.66
C LEU B 43 -17.23 -12.11 1.87
N GLU B 44 -17.27 -13.41 1.63
CA GLU B 44 -18.49 -14.18 1.80
C GLU B 44 -18.96 -14.16 3.26
N GLU B 45 -18.02 -14.12 4.19
CA GLU B 45 -18.35 -14.10 5.59
C GLU B 45 -18.47 -12.72 6.23
N HIS B 46 -17.71 -11.75 5.73
CA HIS B 46 -17.73 -10.41 6.31
C HIS B 46 -17.82 -9.26 5.31
N GLY B 47 -18.07 -9.58 4.06
CA GLY B 47 -18.14 -8.56 3.03
C GLY B 47 -19.07 -7.39 3.32
N LYS B 48 -20.14 -7.62 4.07
CA LYS B 48 -21.07 -6.55 4.36
C LYS B 48 -21.04 -5.97 5.77
N ASP B 49 -20.09 -6.40 6.59
CA ASP B 49 -20.02 -5.86 7.95
C ASP B 49 -18.65 -5.36 8.40
N LEU B 50 -17.64 -5.47 7.55
CA LEU B 50 -16.30 -4.99 7.91
C LEU B 50 -15.80 -3.93 6.93
N GLU B 51 -14.98 -3.02 7.44
CA GLU B 51 -14.42 -1.96 6.61
C GLU B 51 -13.45 -2.66 5.64
N ILE B 52 -13.23 -2.09 4.44
CA ILE B 52 -12.37 -2.72 3.44
C ILE B 52 -10.95 -3.11 3.94
N MET B 53 -10.32 -2.25 4.72
CA MET B 53 -8.98 -2.57 5.23
C MET B 53 -9.01 -3.75 6.23
N GLN B 54 -10.07 -3.83 7.02
CA GLN B 54 -10.22 -4.93 7.97
C GLN B 54 -10.32 -6.24 7.18
N ILE B 55 -11.06 -6.18 6.07
CA ILE B 55 -11.26 -7.34 5.22
C ILE B 55 -9.94 -7.79 4.57
N LEU B 56 -9.23 -6.84 3.97
CA LEU B 56 -7.98 -7.15 3.31
C LEU B 56 -6.87 -7.56 4.28
N THR B 57 -6.96 -7.06 5.50
CA THR B 57 -5.99 -7.39 6.54
C THR B 57 -6.19 -8.87 6.90
N ARG B 58 -7.45 -9.30 7.00
CA ARG B 58 -7.75 -10.68 7.31
C ARG B 58 -7.34 -11.57 6.14
N VAL B 59 -7.40 -11.01 4.93
CA VAL B 59 -7.01 -11.75 3.74
C VAL B 59 -5.49 -11.96 3.78
N ASN B 60 -4.74 -10.94 4.20
CA ASN B 60 -3.29 -11.04 4.32
C ASN B 60 -2.94 -12.16 5.29
N ASP B 61 -3.63 -12.18 6.43
CA ASP B 61 -3.37 -13.19 7.45
C ASP B 61 -3.68 -14.60 6.94
N ARG B 62 -4.84 -14.75 6.29
CA ARG B 62 -5.26 -16.03 5.76
C ARG B 62 -4.28 -16.59 4.72
N VAL B 63 -3.84 -15.73 3.80
CA VAL B 63 -2.88 -16.13 2.77
C VAL B 63 -1.55 -16.52 3.41
N ALA B 64 -1.09 -15.68 4.33
CA ALA B 64 0.17 -15.88 5.02
C ALA B 64 0.22 -17.13 5.89
N ARG B 65 -0.90 -17.49 6.51
CA ARG B 65 -0.92 -18.64 7.40
C ARG B 65 -1.45 -19.95 6.84
N HIS B 66 -2.51 -19.91 6.05
CA HIS B 66 -3.12 -21.13 5.53
C HIS B 66 -2.52 -21.75 4.26
N PHE B 67 -1.57 -21.07 3.63
CA PHE B 67 -1.00 -21.60 2.40
C PHE B 67 0.52 -21.84 2.43
N GLU B 68 0.95 -22.85 1.68
CA GLU B 68 2.35 -23.23 1.57
C GLU B 68 2.49 -24.01 0.26
N SER B 69 3.39 -23.57 -0.62
CA SER B 69 3.56 -24.22 -1.92
C SER B 69 3.92 -25.71 -1.87
N GLN B 70 3.45 -26.43 -2.88
CA GLN B 70 3.71 -27.85 -3.01
C GLN B 70 4.21 -28.11 -4.42
N SER B 71 5.43 -28.61 -4.51
CA SER B 71 6.05 -28.90 -5.80
C SER B 71 7.08 -30.00 -5.66
N ASP B 72 7.34 -30.72 -6.75
CA ASP B 72 8.33 -31.77 -6.74
C ASP B 72 9.69 -31.12 -6.63
N ASP B 73 9.89 -30.07 -7.44
CA ASP B 73 11.14 -29.33 -7.43
C ASP B 73 11.36 -28.72 -6.05
N PRO B 74 12.42 -29.13 -5.35
CA PRO B 74 12.70 -28.60 -4.01
C PRO B 74 12.93 -27.09 -4.00
N HIS B 75 13.24 -26.52 -5.16
CA HIS B 75 13.47 -25.09 -5.26
C HIS B 75 12.18 -24.29 -5.07
N PHE B 76 11.04 -24.91 -5.36
CA PHE B 76 9.75 -24.26 -5.19
C PHE B 76 8.91 -24.99 -4.17
N HIS B 77 9.58 -25.71 -3.27
CA HIS B 77 8.91 -26.49 -2.24
C HIS B 77 8.66 -25.66 -0.98
N GLU B 78 7.43 -25.73 -0.48
CA GLU B 78 7.03 -25.04 0.75
C GLU B 78 7.26 -23.52 0.82
N LYS B 79 7.03 -22.81 -0.27
CA LYS B 79 7.22 -21.36 -0.27
C LYS B 79 5.97 -20.67 0.29
N LYS B 80 6.16 -19.46 0.82
CA LYS B 80 5.07 -18.69 1.41
C LYS B 80 4.70 -17.46 0.59
N GLN B 81 3.65 -16.76 1.02
CA GLN B 81 3.19 -15.57 0.31
C GLN B 81 2.44 -14.61 1.22
N ILE B 82 2.61 -13.32 0.97
CA ILE B 82 1.93 -12.28 1.72
C ILE B 82 1.40 -11.26 0.71
N PRO B 83 0.10 -10.94 0.77
CA PRO B 83 -0.47 -9.97 -0.16
C PRO B 83 0.06 -8.57 0.16
N CYS B 84 -0.35 -7.60 -0.64
CA CYS B 84 0.11 -6.22 -0.47
C CYS B 84 -1.02 -5.24 -0.76
N VAL B 85 -1.42 -4.47 0.25
CA VAL B 85 -2.50 -3.50 0.07
C VAL B 85 -1.98 -2.08 -0.04
N VAL B 86 -2.32 -1.40 -1.12
CA VAL B 86 -1.88 -0.01 -1.32
C VAL B 86 -3.11 0.88 -1.31
N SER B 87 -3.23 1.72 -0.28
CA SER B 87 -4.40 2.58 -0.16
C SER B 87 -4.16 4.08 -0.21
N MET B 88 -4.88 4.74 -1.12
CA MET B 88 -4.85 6.19 -1.26
C MET B 88 -6.28 6.65 -0.91
N LEU B 89 -7.03 5.81 -0.19
CA LEU B 89 -8.39 6.15 0.19
C LEU B 89 -8.40 7.26 1.24
N THR B 90 -9.45 8.08 1.23
CA THR B 90 -9.57 9.20 2.16
C THR B 90 -10.66 8.99 3.22
N LYS B 91 -11.39 7.88 3.13
CA LYS B 91 -12.44 7.55 4.08
C LYS B 91 -12.53 6.05 4.27
N GLU B 92 -13.34 5.63 5.23
CA GLU B 92 -13.55 4.21 5.49
C GLU B 92 -14.59 3.71 4.49
N LEU B 93 -14.40 2.49 4.00
CA LEU B 93 -15.29 1.91 3.02
C LEU B 93 -16.05 0.70 3.51
N TYR B 94 -17.37 0.80 3.52
CA TYR B 94 -18.24 -0.28 3.92
C TYR B 94 -19.18 -0.55 2.76
N PHE B 95 -19.31 -1.80 2.35
CA PHE B 95 -20.18 -2.17 1.24
C PHE B 95 -21.63 -2.34 1.70
N SER B 96 -22.25 -1.29 2.25
CA SER B 96 -23.63 -1.40 2.70
C SER B 96 -24.25 -0.08 3.17
N GLN B 97 -25.58 -0.10 3.32
CA GLN B 97 -26.35 1.05 3.78
C GLN B 97 -26.24 2.25 2.83
N THR C 34 -7.73 -14.31 17.51
CA THR C 34 -7.91 -12.84 17.70
C THR C 34 -7.60 -12.10 16.41
N TYR C 35 -8.04 -10.85 16.32
CA TYR C 35 -7.82 -10.06 15.11
C TYR C 35 -6.93 -8.82 15.31
N GLN C 36 -6.37 -8.69 16.51
CA GLN C 36 -5.50 -7.58 16.84
C GLN C 36 -4.12 -8.08 17.24
N TYR C 37 -3.10 -7.28 16.94
CA TYR C 37 -1.74 -7.62 17.31
C TYR C 37 -1.69 -7.61 18.84
N ASN C 38 -0.99 -8.58 19.41
CA ASN C 38 -0.86 -8.63 20.87
C ASN C 38 0.03 -7.47 21.32
N MET C 39 -0.51 -6.60 22.16
CA MET C 39 0.22 -5.44 22.66
C MET C 39 0.62 -5.57 24.13
N ASN C 40 0.49 -6.76 24.67
CA ASN C 40 0.84 -7.00 26.07
C ASN C 40 2.32 -7.35 26.18
N PHE C 41 3.17 -6.33 26.09
CA PHE C 41 4.61 -6.49 26.18
C PHE C 41 5.14 -5.46 27.17
N GLU C 42 6.34 -5.73 27.70
CA GLU C 42 6.98 -4.84 28.66
C GLU C 42 6.99 -3.41 28.12
N LYS C 43 7.23 -3.26 26.83
CA LYS C 43 7.25 -1.93 26.24
C LYS C 43 6.67 -1.88 24.83
N LEU C 44 6.21 -0.71 24.43
CA LEU C 44 5.63 -0.54 23.10
C LEU C 44 6.71 -0.83 22.05
N GLY C 45 7.89 -0.24 22.23
CA GLY C 45 8.97 -0.47 21.30
C GLY C 45 9.88 0.71 20.98
N LYS C 46 10.80 0.47 20.05
CA LYS C 46 11.76 1.46 19.62
C LYS C 46 11.22 2.26 18.44
N CYS C 47 11.51 3.57 18.43
CA CYS C 47 11.13 4.45 17.32
C CYS C 47 12.38 5.19 16.90
N ILE C 48 12.88 4.88 15.71
CA ILE C 48 14.08 5.51 15.19
C ILE C 48 13.70 6.60 14.19
N ILE C 49 14.16 7.82 14.44
CA ILE C 49 13.89 8.93 13.54
C ILE C 49 15.19 9.36 12.87
N ILE C 50 15.19 9.39 11.54
CA ILE C 50 16.36 9.81 10.76
C ILE C 50 15.98 11.13 10.11
N ASN C 51 16.57 12.21 10.63
CA ASN C 51 16.31 13.56 10.18
C ASN C 51 17.45 14.11 9.32
N ASN C 52 17.34 13.96 7.99
CA ASN C 52 18.37 14.45 7.08
C ASN C 52 18.01 15.84 6.55
N LYS C 53 18.76 16.84 7.01
CA LYS C 53 18.52 18.23 6.62
C LYS C 53 19.56 18.78 5.64
N ASN C 54 20.82 18.48 5.90
CA ASN C 54 21.94 18.95 5.07
C ASN C 54 22.55 17.84 4.22
N PHE C 55 22.77 18.15 2.94
CA PHE C 55 23.34 17.20 2.01
C PHE C 55 24.60 17.73 1.30
N ASP C 56 25.50 16.82 0.93
CA ASP C 56 26.71 17.23 0.23
C ASP C 56 26.35 17.88 -1.09
N LYS C 57 27.11 18.90 -1.45
CA LYS C 57 26.92 19.66 -2.69
C LYS C 57 26.80 18.75 -3.92
N VAL C 58 27.66 17.73 -4.00
CA VAL C 58 27.65 16.82 -5.14
C VAL C 58 26.34 16.11 -5.42
N THR C 59 25.44 16.04 -4.43
CA THR C 59 24.17 15.36 -4.64
C THR C 59 23.18 16.27 -5.34
N GLY C 60 23.45 17.57 -5.32
CA GLY C 60 22.54 18.51 -5.95
C GLY C 60 21.29 18.78 -5.14
N MET C 61 21.24 18.27 -3.91
CA MET C 61 20.08 18.45 -3.05
C MET C 61 20.25 19.66 -2.13
N GLY C 62 19.20 20.45 -2.00
CA GLY C 62 19.26 21.62 -1.13
C GLY C 62 18.92 21.31 0.31
N VAL C 63 19.09 22.30 1.19
CA VAL C 63 18.78 22.14 2.60
C VAL C 63 17.27 21.93 2.73
N ARG C 64 16.88 21.05 3.64
CA ARG C 64 15.47 20.77 3.84
C ARG C 64 14.91 21.58 5.01
N ASN C 65 14.79 22.89 4.82
CA ASN C 65 14.26 23.77 5.85
C ASN C 65 12.87 23.31 6.28
N GLY C 66 12.65 23.26 7.58
CA GLY C 66 11.38 22.81 8.12
C GLY C 66 11.42 21.37 8.62
N THR C 67 12.52 20.66 8.35
CA THR C 67 12.62 19.28 8.78
C THR C 67 12.88 19.13 10.28
N ASP C 68 13.53 20.13 10.90
CA ASP C 68 13.79 20.05 12.34
C ASP C 68 12.45 20.13 13.07
N LYS C 69 11.54 20.95 12.53
CA LYS C 69 10.22 21.10 13.12
C LYS C 69 9.47 19.76 13.03
N ASP C 70 9.62 19.07 11.90
CA ASP C 70 8.98 17.76 11.72
C ASP C 70 9.54 16.78 12.75
N ALA C 71 10.86 16.68 12.81
CA ALA C 71 11.52 15.77 13.74
C ALA C 71 11.11 16.03 15.18
N GLU C 72 11.08 17.30 15.59
CA GLU C 72 10.71 17.64 16.96
C GLU C 72 9.27 17.18 17.26
N ALA C 73 8.36 17.47 16.35
CA ALA C 73 6.96 17.10 16.51
C ALA C 73 6.76 15.59 16.51
N LEU C 74 7.50 14.89 15.65
CA LEU C 74 7.41 13.44 15.57
C LEU C 74 7.92 12.81 16.86
N PHE C 75 9.05 13.31 17.34
CA PHE C 75 9.64 12.81 18.56
C PHE C 75 8.69 12.93 19.75
N LYS C 76 8.13 14.12 19.95
CA LYS C 76 7.21 14.34 21.05
C LYS C 76 6.00 13.44 20.91
N CYS C 77 5.49 13.35 19.69
CA CYS C 77 4.33 12.55 19.39
C CYS C 77 4.53 11.05 19.64
N PHE C 78 5.62 10.48 19.14
CA PHE C 78 5.86 9.05 19.36
C PHE C 78 6.29 8.72 20.78
N ARG C 79 6.81 9.71 21.50
CA ARG C 79 7.19 9.47 22.88
C ARG C 79 5.87 9.36 23.66
N SER C 80 4.91 10.23 23.34
CA SER C 80 3.61 10.22 23.99
C SER C 80 2.91 8.88 23.78
N LEU C 81 3.08 8.29 22.60
CA LEU C 81 2.47 7.01 22.30
C LEU C 81 3.09 5.91 23.15
N GLY C 82 4.32 6.13 23.61
CA GLY C 82 4.98 5.13 24.44
C GLY C 82 6.25 4.53 23.84
N PHE C 83 6.66 5.03 22.67
CA PHE C 83 7.87 4.53 22.02
C PHE C 83 9.13 5.07 22.67
N ASP C 84 10.21 4.31 22.60
CA ASP C 84 11.51 4.79 23.10
C ASP C 84 12.09 5.40 21.81
N VAL C 85 12.03 6.71 21.67
CA VAL C 85 12.54 7.32 20.44
C VAL C 85 13.98 7.83 20.46
N ILE C 86 14.66 7.58 19.35
CA ILE C 86 16.04 7.99 19.15
C ILE C 86 16.05 8.81 17.86
N VAL C 87 16.68 9.99 17.89
CA VAL C 87 16.74 10.84 16.71
C VAL C 87 18.17 10.96 16.15
N TYR C 88 18.35 10.57 14.89
CA TYR C 88 19.65 10.68 14.23
C TYR C 88 19.56 11.86 13.27
N ASN C 89 20.71 12.48 12.98
CA ASN C 89 20.71 13.67 12.12
C ASN C 89 21.79 13.68 11.04
N ASP C 90 21.42 14.16 9.85
CA ASP C 90 22.34 14.25 8.71
C ASP C 90 23.19 12.99 8.57
N CYS C 91 22.53 11.88 8.30
CA CYS C 91 23.19 10.59 8.15
C CYS C 91 23.63 10.28 6.73
N SER C 92 24.79 9.64 6.62
CA SER C 92 25.31 9.23 5.32
C SER C 92 24.54 7.95 5.00
N CYS C 93 24.62 7.49 3.76
CA CYS C 93 23.94 6.27 3.37
C CYS C 93 24.43 5.10 4.19
N ALA C 94 25.74 5.07 4.44
CA ALA C 94 26.33 3.99 5.23
C ALA C 94 25.84 4.02 6.67
N LYS C 95 25.72 5.22 7.23
CA LYS C 95 25.25 5.34 8.61
C LYS C 95 23.80 4.86 8.69
N MET C 96 22.97 5.24 7.73
CA MET C 96 21.58 4.82 7.73
C MET C 96 21.48 3.29 7.67
N GLN C 97 22.24 2.68 6.77
CA GLN C 97 22.21 1.23 6.64
C GLN C 97 22.69 0.54 7.91
N ASP C 98 23.84 0.98 8.43
CA ASP C 98 24.41 0.38 9.63
C ASP C 98 23.54 0.53 10.87
N LEU C 99 22.98 1.72 11.02
CA LEU C 99 22.12 2.08 12.12
C LEU C 99 20.87 1.18 12.16
N LEU C 100 20.30 0.91 11.00
CA LEU C 100 19.11 0.06 10.93
C LEU C 100 19.49 -1.42 11.05
N LYS C 101 20.68 -1.78 10.58
CA LYS C 101 21.12 -3.16 10.69
C LYS C 101 21.32 -3.51 12.16
N LYS C 102 21.96 -2.59 12.89
CA LYS C 102 22.20 -2.83 14.31
C LYS C 102 20.92 -2.85 15.13
N ALA C 103 19.95 -2.03 14.72
CA ALA C 103 18.68 -2.02 15.44
C ALA C 103 18.00 -3.38 15.26
N SER C 104 18.06 -3.92 14.04
CA SER C 104 17.44 -5.21 13.76
C SER C 104 18.12 -6.37 14.47
N GLU C 105 19.35 -6.16 14.97
CA GLU C 105 20.10 -7.20 15.66
C GLU C 105 19.95 -7.11 17.17
N GLU C 106 19.21 -6.10 17.63
CA GLU C 106 18.97 -5.94 19.06
C GLU C 106 17.84 -6.89 19.45
N ASP C 107 17.65 -7.07 20.75
CA ASP C 107 16.63 -7.97 21.26
C ASP C 107 15.31 -7.23 21.48
N HIS C 108 14.35 -7.50 20.60
CA HIS C 108 13.03 -6.86 20.67
C HIS C 108 12.00 -7.76 21.36
N THR C 109 12.47 -8.87 21.94
CA THR C 109 11.61 -9.82 22.63
C THR C 109 10.55 -9.17 23.52
N ASN C 110 10.93 -8.14 24.26
CA ASN C 110 9.99 -7.48 25.15
C ASN C 110 9.26 -6.28 24.57
N ALA C 111 9.31 -6.11 23.25
CA ALA C 111 8.63 -4.99 22.61
C ALA C 111 7.48 -5.49 21.76
N ALA C 112 6.42 -4.68 21.67
CA ALA C 112 5.24 -5.02 20.89
C ALA C 112 5.42 -4.75 19.40
N CYS C 113 6.19 -3.71 19.08
CA CYS C 113 6.44 -3.37 17.69
C CYS C 113 7.69 -2.53 17.49
N PHE C 114 7.89 -2.08 16.26
CA PHE C 114 9.05 -1.27 15.90
C PHE C 114 8.62 -0.19 14.91
N ALA C 115 9.12 1.03 15.09
CA ALA C 115 8.78 2.12 14.19
C ALA C 115 10.03 2.84 13.71
N CYS C 116 10.02 3.26 12.46
CA CYS C 116 11.13 3.98 11.87
C CYS C 116 10.58 5.08 10.98
N ILE C 117 11.06 6.30 11.19
CA ILE C 117 10.61 7.44 10.42
C ILE C 117 11.77 8.05 9.64
N LEU C 118 11.61 8.12 8.32
CA LEU C 118 12.65 8.67 7.44
C LEU C 118 12.24 10.03 6.90
N LEU C 119 13.10 11.03 7.14
CA LEU C 119 12.86 12.40 6.67
C LEU C 119 14.06 12.79 5.81
N SER C 120 13.83 12.93 4.51
CA SER C 120 14.93 13.27 3.60
C SER C 120 14.42 13.47 2.19
N HIS C 121 15.34 13.67 1.27
CA HIS C 121 15.00 13.81 -0.14
C HIS C 121 14.85 12.38 -0.61
N GLY C 122 14.25 12.20 -1.77
CA GLY C 122 14.09 10.87 -2.29
C GLY C 122 13.68 10.89 -3.74
N GLU C 123 13.79 9.74 -4.38
CA GLU C 123 13.38 9.56 -5.76
C GLU C 123 12.68 8.20 -5.72
N GLU C 124 12.03 7.79 -6.79
CA GLU C 124 11.31 6.52 -6.72
C GLU C 124 12.13 5.34 -6.20
N ASN C 125 11.64 4.73 -5.13
CA ASN C 125 12.26 3.57 -4.51
C ASN C 125 13.57 3.80 -3.77
N VAL C 126 14.03 5.04 -3.71
CA VAL C 126 15.28 5.32 -3.00
C VAL C 126 15.14 6.52 -2.10
N ILE C 127 16.02 6.60 -1.11
CA ILE C 127 16.02 7.73 -0.21
C ILE C 127 17.45 8.26 -0.10
N TYR C 128 17.58 9.58 0.04
CA TYR C 128 18.89 10.19 0.13
C TYR C 128 19.58 10.21 1.47
N GLY C 129 20.88 9.95 1.43
CA GLY C 129 21.72 10.03 2.60
C GLY C 129 22.39 11.35 2.27
N LYS C 130 23.26 11.87 3.13
CA LYS C 130 23.86 13.16 2.79
C LYS C 130 24.85 13.03 1.62
N ASP C 131 25.35 11.82 1.37
CA ASP C 131 26.30 11.60 0.29
C ASP C 131 25.75 10.83 -0.92
N GLY C 132 24.45 10.56 -0.92
CA GLY C 132 23.89 9.84 -2.05
C GLY C 132 22.53 9.21 -1.83
N VAL C 133 22.24 8.22 -2.66
CA VAL C 133 20.98 7.50 -2.63
C VAL C 133 21.14 6.02 -2.26
N THR C 134 20.16 5.49 -1.55
CA THR C 134 20.16 4.08 -1.14
C THR C 134 18.73 3.53 -1.24
N PRO C 135 18.57 2.28 -1.71
CA PRO C 135 17.25 1.64 -1.86
C PRO C 135 16.48 1.50 -0.55
N ILE C 136 15.21 1.90 -0.56
CA ILE C 136 14.39 1.78 0.64
C ILE C 136 14.23 0.31 0.99
N LYS C 137 14.18 -0.54 -0.03
CA LYS C 137 14.04 -1.97 0.18
C LYS C 137 15.19 -2.52 1.03
N ASP C 138 16.41 -2.04 0.79
CA ASP C 138 17.56 -2.52 1.54
C ASP C 138 17.56 -2.05 2.99
N LEU C 139 17.01 -0.87 3.23
CA LEU C 139 16.95 -0.35 4.60
C LEU C 139 15.95 -1.15 5.44
N THR C 140 14.82 -1.48 4.84
CA THR C 140 13.78 -2.21 5.56
C THR C 140 13.99 -3.73 5.60
N ALA C 141 14.74 -4.26 4.65
CA ALA C 141 15.00 -5.70 4.57
C ALA C 141 15.59 -6.28 5.86
N HIS C 142 16.34 -5.45 6.58
CA HIS C 142 16.96 -5.87 7.83
C HIS C 142 15.96 -6.42 8.84
N PHE C 143 14.71 -5.97 8.75
CA PHE C 143 13.71 -6.42 9.72
C PHE C 143 12.81 -7.56 9.24
N ARG C 144 13.18 -8.17 8.11
CA ARG C 144 12.43 -9.31 7.57
C ARG C 144 12.31 -10.38 8.64
N GLY C 145 11.25 -11.17 8.57
CA GLY C 145 11.03 -12.22 9.55
C GLY C 145 12.23 -13.13 9.79
N ASP C 146 12.96 -13.45 8.75
CA ASP C 146 14.12 -14.34 8.86
C ASP C 146 15.43 -13.65 9.24
N ARG C 147 15.43 -12.32 9.37
CA ARG C 147 16.66 -11.61 9.71
C ARG C 147 16.55 -10.84 11.02
N CYS C 148 15.36 -10.85 11.61
CA CYS C 148 15.11 -10.18 12.87
C CYS C 148 14.01 -10.99 13.56
N LYS C 149 14.39 -12.13 14.09
CA LYS C 149 13.44 -13.03 14.73
C LYS C 149 12.68 -12.51 15.94
N THR C 150 13.25 -11.54 16.66
CA THR C 150 12.55 -11.03 17.83
C THR C 150 11.41 -10.07 17.47
N LEU C 151 11.24 -9.80 16.18
CA LEU C 151 10.15 -8.93 15.72
C LEU C 151 9.16 -9.72 14.88
N LEU C 152 9.45 -11.02 14.72
CA LEU C 152 8.61 -11.91 13.94
C LEU C 152 7.18 -11.85 14.49
N GLU C 153 6.21 -11.75 13.59
CA GLU C 153 4.79 -11.67 13.97
C GLU C 153 4.46 -10.36 14.68
N LYS C 154 5.37 -9.40 14.61
CA LYS C 154 5.15 -8.09 15.22
C LYS C 154 5.16 -7.04 14.13
N PRO C 155 4.31 -6.00 14.27
CA PRO C 155 4.27 -4.94 13.26
C PRO C 155 5.54 -4.10 13.20
N LYS C 156 6.01 -3.90 11.98
CA LYS C 156 7.22 -3.13 11.70
C LYS C 156 6.78 -1.96 10.83
N LEU C 157 6.70 -0.78 11.43
CA LEU C 157 6.24 0.43 10.76
C LEU C 157 7.32 1.38 10.23
N PHE C 158 7.15 1.83 9.00
CA PHE C 158 8.08 2.78 8.40
C PHE C 158 7.29 3.97 7.84
N PHE C 159 7.58 5.16 8.35
CA PHE C 159 6.91 6.37 7.88
C PHE C 159 7.94 7.11 7.05
N ILE C 160 7.61 7.40 5.82
CA ILE C 160 8.55 8.04 4.93
C ILE C 160 8.15 9.35 4.26
N GLN C 161 8.80 10.43 4.68
CA GLN C 161 8.60 11.76 4.11
C GLN C 161 9.77 11.99 3.17
N ALA C 162 9.51 11.89 1.88
CA ALA C 162 10.54 12.05 0.86
C ALA C 162 9.85 12.01 -0.49
N CYS C 163 10.47 12.58 -1.51
CA CYS C 163 9.89 12.56 -2.84
C CYS C 163 10.06 11.15 -3.42
N ARG C 164 9.23 10.84 -4.41
CA ARG C 164 9.30 9.53 -5.03
C ARG C 164 9.28 9.70 -6.54
N GLY C 165 9.64 10.89 -6.98
CA GLY C 165 9.66 11.21 -8.39
C GLY C 165 9.48 12.70 -8.56
N THR C 166 9.24 13.14 -9.78
CA THR C 166 9.08 14.57 -10.05
C THR C 166 7.73 14.97 -10.64
N GLU C 167 6.74 14.09 -10.52
CA GLU C 167 5.41 14.40 -11.04
C GLU C 167 4.67 15.30 -10.07
N LEU C 168 3.83 16.17 -10.62
CA LEU C 168 3.04 17.11 -9.82
C LEU C 168 1.57 16.77 -9.94
N ASP C 169 0.83 16.95 -8.86
CA ASP C 169 -0.60 16.68 -8.87
C ASP C 169 -1.31 18.04 -8.92
N ASP C 170 -1.90 18.36 -10.07
CA ASP C 170 -2.58 19.64 -10.22
C ASP C 170 -3.91 19.70 -9.50
N GLY C 171 -4.49 18.53 -9.24
CA GLY C 171 -5.77 18.49 -8.55
C GLY C 171 -6.95 18.75 -9.46
N ILE C 172 -8.16 18.58 -8.92
CA ILE C 172 -9.39 18.78 -9.67
C ILE C 172 -10.45 19.30 -8.70
N GLN C 173 -11.67 19.54 -9.20
CA GLN C 173 -12.78 20.04 -8.38
C GLN C 173 -12.64 21.55 -8.21
N LYS D 6 4.95 -21.81 9.33
CA LYS D 6 5.85 -20.74 8.83
C LYS D 6 5.13 -19.43 8.49
N ILE D 7 5.85 -18.33 8.66
CA ILE D 7 5.34 -16.99 8.38
C ILE D 7 6.18 -16.39 7.24
N PRO D 8 5.54 -15.70 6.29
CA PRO D 8 6.29 -15.10 5.18
C PRO D 8 7.29 -14.09 5.77
N VAL D 9 8.49 -14.02 5.20
CA VAL D 9 9.50 -13.08 5.71
C VAL D 9 9.11 -11.63 5.48
N GLU D 10 8.33 -11.38 4.44
CA GLU D 10 7.89 -10.02 4.12
C GLU D 10 6.61 -9.61 4.85
N ALA D 11 6.09 -10.50 5.70
CA ALA D 11 4.87 -10.21 6.43
C ALA D 11 5.05 -9.26 7.61
N ASP D 12 3.97 -8.55 7.92
CA ASP D 12 3.89 -7.64 9.05
C ASP D 12 4.62 -6.30 8.94
N PHE D 13 4.79 -5.82 7.71
CA PHE D 13 5.40 -4.52 7.47
C PHE D 13 4.28 -3.57 7.07
N LEU D 14 4.47 -2.30 7.34
CA LEU D 14 3.52 -1.28 6.92
C LEU D 14 4.35 -0.07 6.55
N PHE D 15 4.16 0.45 5.34
CA PHE D 15 4.90 1.62 4.91
C PHE D 15 3.92 2.75 4.70
N ALA D 16 4.09 3.83 5.45
CA ALA D 16 3.22 4.98 5.30
C ALA D 16 4.02 6.05 4.56
N TYR D 17 3.87 6.11 3.24
CA TYR D 17 4.57 7.08 2.41
C TYR D 17 3.84 8.42 2.34
N SER D 18 4.60 9.50 2.35
CA SER D 18 4.02 10.85 2.28
C SER D 18 3.34 11.10 0.95
N THR D 19 3.76 10.39 -0.09
CA THR D 19 3.19 10.60 -1.41
C THR D 19 3.16 9.31 -2.22
N VAL D 20 2.53 9.36 -3.39
CA VAL D 20 2.43 8.19 -4.26
C VAL D 20 3.65 8.03 -5.17
N PRO D 21 3.89 6.80 -5.65
CA PRO D 21 5.03 6.53 -6.54
C PRO D 21 5.13 7.53 -7.69
N GLY D 22 6.34 8.01 -7.96
CA GLY D 22 6.55 8.93 -9.06
C GLY D 22 6.27 10.40 -8.83
N TYR D 23 5.70 10.74 -7.67
CA TYR D 23 5.38 12.15 -7.40
C TYR D 23 6.25 12.82 -6.35
N TYR D 24 6.21 14.15 -6.36
CA TYR D 24 6.93 14.97 -5.41
C TYR D 24 6.16 14.89 -4.10
N SER D 25 6.78 15.39 -3.03
CA SER D 25 6.17 15.45 -1.71
C SER D 25 6.47 16.86 -1.23
N TRP D 26 5.47 17.53 -0.67
CA TRP D 26 5.64 18.92 -0.23
C TRP D 26 6.02 19.19 1.23
N ARG D 27 6.82 20.24 1.40
CA ARG D 27 7.30 20.66 2.72
C ARG D 27 7.31 22.18 2.85
N SER D 28 6.82 22.69 3.97
CA SER D 28 6.80 24.13 4.23
C SER D 28 7.95 24.43 5.17
N PRO D 29 8.91 25.26 4.73
CA PRO D 29 10.07 25.62 5.55
C PRO D 29 9.64 26.13 6.93
N GLY D 30 8.47 26.75 6.99
CA GLY D 30 7.99 27.28 8.25
C GLY D 30 7.20 26.33 9.12
N ARG D 31 6.44 25.41 8.53
CA ARG D 31 5.64 24.49 9.31
C ARG D 31 6.04 23.03 9.23
N GLY D 32 6.88 22.68 8.26
CA GLY D 32 7.29 21.30 8.12
C GLY D 32 6.55 20.66 6.96
N SER D 33 6.82 19.38 6.71
CA SER D 33 6.16 18.69 5.61
C SER D 33 4.68 18.52 5.88
N TRP D 34 3.87 18.56 4.82
CA TRP D 34 2.44 18.41 4.95
C TRP D 34 2.07 17.09 5.64
N PHE D 35 2.69 16.01 5.18
CA PHE D 35 2.45 14.68 5.71
C PHE D 35 2.71 14.60 7.21
N VAL D 36 3.85 15.13 7.65
CA VAL D 36 4.20 15.08 9.06
C VAL D 36 3.24 15.92 9.91
N GLN D 37 2.87 17.09 9.41
CA GLN D 37 1.93 17.93 10.14
C GLN D 37 0.63 17.15 10.35
N ALA D 38 0.10 16.61 9.27
CA ALA D 38 -1.15 15.84 9.33
C ALA D 38 -1.04 14.61 10.26
N LEU D 39 0.02 13.83 10.10
CA LEU D 39 0.22 12.63 10.92
C LEU D 39 0.26 12.94 12.42
N CYS D 40 1.05 13.94 12.81
CA CYS D 40 1.16 14.29 14.21
C CYS D 40 -0.17 14.81 14.74
N SER D 41 -0.87 15.57 13.91
CA SER D 41 -2.15 16.13 14.28
C SER D 41 -3.18 15.03 14.58
N ILE D 42 -3.27 14.05 13.69
CA ILE D 42 -4.20 12.94 13.87
C ILE D 42 -3.77 12.06 15.04
N LEU D 43 -2.48 11.79 15.16
CA LEU D 43 -1.97 10.95 16.24
C LEU D 43 -2.18 11.57 17.62
N GLU D 44 -2.02 12.89 17.71
CA GLU D 44 -2.19 13.60 18.98
C GLU D 44 -3.64 13.51 19.48
N GLU D 45 -4.57 13.42 18.54
CA GLU D 45 -5.99 13.35 18.90
C GLU D 45 -6.59 11.95 18.91
N HIS D 46 -5.98 11.01 18.17
CA HIS D 46 -6.53 9.66 18.10
C HIS D 46 -5.53 8.51 18.15
N GLY D 47 -4.25 8.83 18.35
CA GLY D 47 -3.23 7.81 18.39
C GLY D 47 -3.51 6.64 19.32
N LYS D 48 -4.28 6.89 20.37
CA LYS D 48 -4.57 5.84 21.33
C LYS D 48 -5.98 5.26 21.31
N ASP D 49 -6.79 5.62 20.31
CA ASP D 49 -8.13 5.06 20.25
C ASP D 49 -8.56 4.55 18.87
N LEU D 50 -7.76 4.81 17.85
CA LEU D 50 -8.08 4.34 16.49
C LEU D 50 -7.07 3.30 16.00
N GLU D 51 -7.50 2.46 15.07
CA GLU D 51 -6.64 1.44 14.49
C GLU D 51 -5.69 2.17 13.54
N ILE D 52 -4.47 1.66 13.38
CA ILE D 52 -3.49 2.31 12.52
C ILE D 52 -4.01 2.72 11.13
N MET D 53 -4.79 1.85 10.48
CA MET D 53 -5.32 2.21 9.15
C MET D 53 -6.35 3.33 9.21
N GLN D 54 -7.11 3.41 10.30
CA GLN D 54 -8.10 4.49 10.43
C GLN D 54 -7.36 5.79 10.57
N ILE D 55 -6.25 5.74 11.31
CA ILE D 55 -5.41 6.92 11.52
C ILE D 55 -4.82 7.40 10.20
N LEU D 56 -4.19 6.48 9.47
CA LEU D 56 -3.56 6.84 8.20
C LEU D 56 -4.54 7.26 7.11
N THR D 57 -5.75 6.70 7.14
CA THR D 57 -6.77 7.08 6.17
C THR D 57 -7.18 8.53 6.46
N ARG D 58 -7.25 8.88 7.75
CA ARG D 58 -7.59 10.24 8.12
C ARG D 58 -6.44 11.18 7.73
N VAL D 59 -5.20 10.68 7.81
CA VAL D 59 -4.06 11.49 7.41
C VAL D 59 -4.15 11.70 5.89
N ASN D 60 -4.53 10.66 5.17
CA ASN D 60 -4.68 10.79 3.72
C ASN D 60 -5.65 11.92 3.40
N ASP D 61 -6.81 11.90 4.05
CA ASP D 61 -7.83 12.91 3.81
C ASP D 61 -7.37 14.31 4.20
N ARG D 62 -6.70 14.44 5.34
CA ARG D 62 -6.23 15.73 5.80
C ARG D 62 -5.20 16.34 4.84
N VAL D 63 -4.27 15.52 4.36
CA VAL D 63 -3.25 16.01 3.42
C VAL D 63 -3.89 16.38 2.08
N ALA D 64 -4.84 15.58 1.64
CA ALA D 64 -5.52 15.81 0.37
C ALA D 64 -6.40 17.06 0.36
N ARG D 65 -7.07 17.34 1.46
CA ARG D 65 -7.97 18.49 1.52
C ARG D 65 -7.43 19.79 2.11
N HIS D 66 -6.62 19.70 3.14
CA HIS D 66 -6.09 20.90 3.80
C HIS D 66 -4.87 21.58 3.19
N PHE D 67 -4.16 20.94 2.28
CA PHE D 67 -2.97 21.57 1.72
C PHE D 67 -2.96 21.83 0.21
N GLU D 68 -2.33 22.93 -0.16
CA GLU D 68 -2.18 23.33 -1.56
C GLU D 68 -0.88 24.11 -1.62
N SER D 69 -0.03 23.80 -2.58
CA SER D 69 1.25 24.49 -2.69
C SER D 69 1.12 25.91 -3.20
N GLN D 70 2.07 26.74 -2.79
CA GLN D 70 2.11 28.12 -3.23
C GLN D 70 3.55 28.49 -3.49
N SER D 71 3.82 28.89 -4.73
CA SER D 71 5.16 29.28 -5.16
C SER D 71 5.06 30.47 -6.09
N ASP D 72 6.06 31.33 -6.07
CA ASP D 72 6.09 32.50 -6.93
C ASP D 72 6.10 32.02 -8.37
N ASP D 73 6.53 30.77 -8.55
CA ASP D 73 6.59 30.15 -9.87
C ASP D 73 5.22 29.53 -10.17
N PRO D 74 4.57 30.00 -11.24
CA PRO D 74 3.25 29.47 -11.59
C PRO D 74 3.25 27.97 -11.92
N HIS D 75 4.43 27.41 -12.15
CA HIS D 75 4.54 26.00 -12.49
C HIS D 75 4.32 25.10 -11.26
N PHE D 76 4.77 25.57 -10.10
CA PHE D 76 4.63 24.81 -8.86
C PHE D 76 3.60 25.45 -7.94
N HIS D 77 2.63 26.14 -8.53
CA HIS D 77 1.61 26.83 -7.77
C HIS D 77 0.29 26.06 -7.67
N GLU D 78 -0.30 26.06 -6.47
CA GLU D 78 -1.58 25.39 -6.23
C GLU D 78 -1.57 23.88 -6.49
N LYS D 79 -0.48 23.21 -6.17
CA LYS D 79 -0.40 21.77 -6.41
C LYS D 79 -0.90 20.98 -5.19
N LYS D 80 -1.37 19.75 -5.45
CA LYS D 80 -1.91 18.90 -4.40
C LYS D 80 -1.07 17.67 -4.10
N GLN D 81 -1.45 16.95 -3.04
CA GLN D 81 -0.74 15.74 -2.62
C GLN D 81 -1.64 14.74 -1.92
N ILE D 82 -1.37 13.46 -2.13
CA ILE D 82 -2.12 12.37 -1.50
C ILE D 82 -1.09 11.33 -1.02
N PRO D 83 -1.11 10.96 0.27
CA PRO D 83 -0.16 9.97 0.76
C PRO D 83 -0.45 8.58 0.20
N CYS D 84 0.39 7.62 0.56
CA CYS D 84 0.27 6.25 0.08
C CYS D 84 0.61 5.24 1.18
N VAL D 85 -0.39 4.48 1.61
CA VAL D 85 -0.20 3.48 2.64
C VAL D 85 -0.06 2.09 2.03
N VAL D 86 1.02 1.40 2.34
CA VAL D 86 1.26 0.05 1.84
C VAL D 86 1.22 -0.87 3.05
N SER D 87 0.29 -1.81 3.07
CA SER D 87 0.19 -2.69 4.21
C SER D 87 0.32 -4.17 3.94
N MET D 88 1.15 -4.81 4.76
CA MET D 88 1.37 -6.24 4.72
C MET D 88 1.04 -6.73 6.13
N LEU D 89 0.26 -5.94 6.87
CA LEU D 89 -0.10 -6.34 8.23
C LEU D 89 -1.11 -7.50 8.17
N THR D 90 -1.07 -8.36 9.18
CA THR D 90 -1.93 -9.52 9.23
C THR D 90 -2.94 -9.44 10.37
N LYS D 91 -2.90 -8.32 11.09
CA LYS D 91 -3.81 -8.06 12.21
C LYS D 91 -4.05 -6.57 12.32
N GLU D 92 -5.05 -6.18 13.13
CA GLU D 92 -5.33 -4.77 13.33
C GLU D 92 -4.35 -4.28 14.38
N LEU D 93 -3.93 -3.03 14.29
CA LEU D 93 -2.96 -2.49 15.23
C LEU D 93 -3.48 -1.29 16.01
N TYR D 94 -3.46 -1.43 17.33
CA TYR D 94 -3.89 -0.39 18.25
C TYR D 94 -2.69 -0.12 19.16
N PHE D 95 -2.40 1.14 19.45
CA PHE D 95 -1.26 1.47 20.30
C PHE D 95 -1.53 1.42 21.81
N SER D 96 -2.78 1.16 22.20
CA SER D 96 -3.12 1.09 23.62
C SER D 96 -3.38 -0.33 24.10
N GLN D 97 -3.48 -0.49 25.42
CA GLN D 97 -3.73 -1.77 26.09
C GLN D 97 -2.55 -2.74 25.98
C ACE E 1 1.08 -27.57 -7.99
O ACE E 1 1.10 -28.74 -7.68
CH3 ACE E 1 0.76 -27.23 -9.42
N ASP E 2 1.49 -26.60 -7.09
CA ASP E 2 1.18 -25.17 -7.28
C ASP E 2 2.01 -24.54 -8.39
N GLN E 3 1.44 -23.54 -9.05
CA GLN E 3 2.13 -22.84 -10.13
C GLN E 3 2.25 -21.36 -9.80
N MET E 4 3.19 -20.68 -10.45
CA MET E 4 3.40 -19.26 -10.21
C MET E 4 2.74 -18.40 -11.29
C ASJ E 5 2.56 -14.99 -11.96
N ASJ E 5 2.34 -17.20 -10.91
O ASJ E 5 3.06 -14.87 -13.28
CA ASJ E 5 1.71 -16.23 -11.80
CB ASJ E 5 0.36 -15.77 -11.24
CG ASJ E 5 -0.79 -16.63 -11.69
OD1 ASJ E 5 -1.78 -16.73 -10.94
OD2 ASJ E 5 -0.71 -17.21 -12.79
C ACE F 1 7.32 27.83 -0.23
O ACE F 1 7.14 28.94 -0.70
CH3 ACE F 1 8.63 27.59 0.46
N ASP F 2 6.34 26.87 -0.30
CA ASP F 2 6.64 25.43 -0.11
C ASP F 2 7.74 24.90 -1.01
N GLN F 3 8.41 23.85 -0.55
CA GLN F 3 9.49 23.21 -1.30
C GLN F 3 9.18 21.73 -1.52
N MET F 4 9.91 21.11 -2.43
CA MET F 4 9.71 19.69 -2.74
C MET F 4 10.79 18.81 -2.14
C ASJ F 5 11.47 15.43 -1.99
N ASJ F 5 10.39 17.61 -1.70
O ASJ F 5 12.81 15.32 -2.46
CA ASJ F 5 11.29 16.63 -1.09
CB ASJ F 5 10.71 16.10 0.21
CG ASJ F 5 11.21 16.84 1.42
OD1 ASJ F 5 10.59 16.68 2.48
OD2 ASJ F 5 12.22 17.58 1.30
N GLN G 1 -20.28 2.75 10.56
CA GLN G 1 -20.36 1.43 11.25
C GLN G 1 -19.65 1.49 12.61
N GLY G 2 -19.28 0.33 13.14
CA GLY G 2 -18.61 0.29 14.43
C GLY G 2 -17.35 -0.57 14.52
N HIS G 3 -16.22 0.11 14.67
CA HIS G 3 -14.88 -0.48 14.83
C HIS G 3 -14.76 -0.55 16.35
N GLY G 4 -14.08 -1.58 16.85
CA GLY G 4 -13.92 -1.68 18.30
C GLY G 4 -12.73 -2.54 18.70
N GLU G 5 -11.97 -2.10 19.71
CA GLU G 5 -10.81 -2.86 20.18
C GLU G 5 -11.26 -4.18 20.81
C1 CIT H . 6.99 -0.92 -1.36
O1 CIT H . 7.65 0.08 -1.05
O2 CIT H . 7.54 -2.10 -1.08
C2 CIT H . 5.53 -0.94 -1.70
C3 CIT H . 4.91 -0.53 -3.13
O7 CIT H . 5.85 -0.12 -4.01
C4 CIT H . 3.83 0.55 -3.05
C5 CIT H . 3.98 1.88 -3.64
O3 CIT H . 3.04 2.22 -4.20
O4 CIT H . 4.95 2.59 -3.51
C6 CIT H . 4.08 -1.71 -3.68
O5 CIT H . 3.74 -1.71 -4.83
O6 CIT H . 3.48 -2.62 -2.85
#